data_5TGK
#
_entry.id   5TGK
#
_cell.length_a   40.160
_cell.length_b   40.160
_cell.length_c   141.775
_cell.angle_alpha   90.00
_cell.angle_beta   90.00
_cell.angle_gamma   90.00
#
_symmetry.space_group_name_H-M   'P 43'
#
loop_
_entity.id
_entity.type
_entity.pdbx_description
1 polymer 'Cystic fibrosis transmembrane conductance regulator'
2 non-polymer 'MAGNESIUM ION'
3 non-polymer "2'-DEOXYADENOSINE 5'-TRIPHOSPHATE"
4 water water
#
_entity_poly.entity_id   1
_entity_poly.type   'polypeptide(L)'
_entity_poly.pdbx_seq_one_letter_code
;SLTTTEVVMENVTAFWEEGGTPVLKDINFKIERGQLLAVAGSTGAGKTSLLMMIMGELEPSEGKIKHSGRISFCSQFSWI
MPGTIKENIIFGVSYDEYRYRSVIKACQLEEDISKFAEKDNIVLGEGGITLSGGQRARISLARAVYKDADLYLLDSPFGY
LDVLTEKEIFESCVCKLMANKTRILVTSKMEHLKKADKILILHEGSSYFYGTFSELQNLQPDFSSKLMG
;
_entity_poly.pdbx_strand_id   A
#
loop_
_chem_comp.id
_chem_comp.type
_chem_comp.name
_chem_comp.formula
DTP non-polymer '2'-DEOXYADENOSINE 5'-TRIPHOSPHATE' 'C10 H16 N5 O12 P3'
MG non-polymer 'MAGNESIUM ION' 'Mg 2'
#
# COMPACT_ATOMS: atom_id res chain seq x y z
N THR A 5 12.88 -4.12 15.31
CA THR A 5 11.57 -3.64 14.84
C THR A 5 11.76 -2.61 13.74
N GLU A 6 10.90 -2.63 12.73
CA GLU A 6 11.02 -1.68 11.63
C GLU A 6 10.13 -0.47 11.81
N VAL A 7 8.90 -0.67 12.31
CA VAL A 7 7.98 0.43 12.56
C VAL A 7 7.31 0.21 13.91
N VAL A 8 7.24 1.26 14.71
CA VAL A 8 6.55 1.24 16.00
C VAL A 8 5.71 2.50 16.11
N MET A 9 4.47 2.35 16.57
CA MET A 9 3.74 3.46 17.13
C MET A 9 3.38 3.12 18.56
N GLU A 10 3.64 4.04 19.47
CA GLU A 10 3.37 3.83 20.88
C GLU A 10 2.53 4.99 21.39
N ASN A 11 1.29 4.71 21.81
CA ASN A 11 0.38 5.71 22.38
C ASN A 11 0.27 6.96 21.49
N VAL A 12 0.18 6.77 20.18
CA VAL A 12 0.20 7.92 19.27
C VAL A 12 -1.18 8.57 19.19
N THR A 13 -1.23 9.87 19.45
CA THR A 13 -2.38 10.72 19.16
C THR A 13 -1.91 11.86 18.26
N ALA A 14 -2.73 12.24 17.28
CA ALA A 14 -2.34 13.27 16.33
C ALA A 14 -3.56 14.06 15.88
N PHE A 15 -3.30 15.31 15.45
CA PHE A 15 -4.32 16.22 14.95
C PHE A 15 -3.85 16.82 13.64
N TRP A 16 -4.74 16.86 12.64
CA TRP A 16 -4.47 17.62 11.43
C TRP A 16 -4.61 19.12 11.67
N GLU A 17 -5.43 19.53 12.64
CA GLU A 17 -5.69 20.93 12.91
C GLU A 17 -5.75 21.15 14.41
N GLU A 18 -4.97 22.12 14.90
CA GLU A 18 -4.99 22.49 16.30
C GLU A 18 -6.42 22.70 16.78
N GLY A 19 -6.75 22.09 17.92
CA GLY A 19 -8.07 22.26 18.47
C GLY A 19 -9.19 21.60 17.70
N GLY A 20 -8.87 20.81 16.69
CA GLY A 20 -9.84 19.93 16.09
C GLY A 20 -9.98 18.66 16.91
N THR A 21 -10.72 17.70 16.35
CA THR A 21 -10.70 16.40 17.00
C THR A 21 -9.48 15.61 16.53
N PRO A 22 -8.94 14.74 17.38
CA PRO A 22 -7.76 13.96 16.96
C PRO A 22 -8.12 13.05 15.79
N VAL A 23 -7.20 12.95 14.83
CA VAL A 23 -7.42 12.05 13.70
C VAL A 23 -6.97 10.63 14.04
N LEU A 24 -6.04 10.49 14.97
CA LEU A 24 -5.59 9.21 15.51
C LEU A 24 -5.51 9.35 17.02
N LYS A 25 -6.00 8.33 17.74
CA LYS A 25 -6.11 8.37 19.20
C LYS A 25 -5.49 7.12 19.80
N ASP A 26 -4.41 7.31 20.58
CA ASP A 26 -3.72 6.25 21.33
C ASP A 26 -3.52 5.00 20.49
N ILE A 27 -2.80 5.16 19.38
CA ILE A 27 -2.55 4.09 18.43
C ILE A 27 -1.29 3.33 18.83
N ASN A 28 -1.35 2.00 18.83
CA ASN A 28 -0.21 1.17 19.18
C ASN A 28 -0.03 0.04 18.18
N PHE A 29 1.19 -0.14 17.66
CA PHE A 29 1.50 -1.34 16.90
C PHE A 29 3.01 -1.48 16.76
N LYS A 30 3.43 -2.68 16.34
CA LYS A 30 4.83 -2.95 16.02
C LYS A 30 4.91 -3.88 14.82
N ILE A 31 5.78 -3.55 13.87
CA ILE A 31 6.09 -4.39 12.71
C ILE A 31 7.57 -4.77 12.78
N GLU A 32 7.85 -6.07 12.73
CA GLU A 32 9.24 -6.47 12.59
C GLU A 32 9.66 -6.42 11.12
N ARG A 33 10.98 -6.39 10.90
CA ARG A 33 11.50 -6.38 9.53
C ARG A 33 10.92 -7.55 8.74
N GLY A 34 10.39 -7.23 7.55
CA GLY A 34 9.81 -8.24 6.68
C GLY A 34 8.36 -8.62 6.97
N GLN A 35 7.72 -8.04 7.98
CA GLN A 35 6.35 -8.44 8.25
C GLN A 35 5.34 -7.60 7.45
N LEU A 36 4.09 -8.04 7.51
CA LEU A 36 2.97 -7.39 6.85
C LEU A 36 1.96 -6.95 7.92
N LEU A 37 1.69 -5.65 8.00
CA LEU A 37 0.60 -5.11 8.80
C LEU A 37 -0.57 -4.74 7.88
N ALA A 38 -1.75 -5.28 8.19
CA ALA A 38 -2.98 -4.87 7.52
C ALA A 38 -3.66 -3.78 8.34
N VAL A 39 -4.02 -2.68 7.70
CA VAL A 39 -4.72 -1.57 8.36
C VAL A 39 -6.11 -1.47 7.76
N ALA A 40 -7.14 -1.64 8.60
CA ALA A 40 -8.52 -1.67 8.16
C ALA A 40 -9.32 -0.60 8.90
N GLY A 41 -10.56 -0.40 8.48
CA GLY A 41 -11.47 0.54 9.12
C GLY A 41 -12.27 1.32 8.10
N SER A 42 -13.38 1.92 8.55
CA SER A 42 -14.31 2.58 7.64
C SER A 42 -13.72 3.90 7.11
N THR A 43 -14.45 4.53 6.19
CA THR A 43 -13.97 5.78 5.62
C THR A 43 -13.86 6.84 6.72
N GLY A 44 -12.78 7.62 6.66
CA GLY A 44 -12.48 8.61 7.68
C GLY A 44 -11.88 8.08 8.95
N ALA A 45 -11.62 6.76 9.04
CA ALA A 45 -11.13 6.18 10.29
C ALA A 45 -9.72 6.64 10.64
N GLY A 46 -8.95 7.11 9.68
CA GLY A 46 -7.59 7.56 9.91
C GLY A 46 -6.48 6.71 9.26
N LYS A 47 -6.80 5.86 8.29
CA LYS A 47 -5.83 4.91 7.75
C LYS A 47 -4.77 5.63 6.93
N THR A 48 -5.19 6.45 5.97
CA THR A 48 -4.22 7.22 5.19
C THR A 48 -3.46 8.18 6.10
N SER A 49 -4.15 8.78 7.07
CA SER A 49 -3.46 9.66 8.02
C SER A 49 -2.35 8.93 8.74
N LEU A 50 -2.55 7.65 9.08
CA LEU A 50 -1.50 6.87 9.73
C LEU A 50 -0.30 6.73 8.82
N LEU A 51 -0.53 6.44 7.54
CA LEU A 51 0.57 6.38 6.58
C LEU A 51 1.25 7.74 6.47
N MET A 52 0.46 8.83 6.46
CA MET A 52 1.02 10.16 6.38
C MET A 52 1.94 10.44 7.57
N MET A 53 1.60 9.92 8.73
CA MET A 53 2.46 10.13 9.89
C MET A 53 3.79 9.40 9.73
N ILE A 54 3.76 8.19 9.15
CA ILE A 54 5.00 7.46 8.91
C ILE A 54 5.87 8.22 7.92
N MET A 55 5.26 8.90 6.97
CA MET A 55 6.00 9.66 5.97
C MET A 55 6.37 11.07 6.45
N GLY A 56 6.07 11.41 7.70
CA GLY A 56 6.48 12.68 8.26
C GLY A 56 5.63 13.87 7.87
N GLU A 57 4.46 13.65 7.27
CA GLU A 57 3.56 14.74 6.93
C GLU A 57 2.64 15.12 8.07
N LEU A 58 2.64 14.34 9.16
CA LEU A 58 1.78 14.58 10.30
C LEU A 58 2.56 14.18 11.54
N GLU A 59 2.69 15.10 12.49
CA GLU A 59 3.50 14.76 13.65
C GLU A 59 2.61 14.43 14.84
N PRO A 60 3.05 13.53 15.72
CA PRO A 60 2.22 13.16 16.87
C PRO A 60 2.16 14.28 17.88
N SER A 61 1.01 14.40 18.54
CA SER A 61 0.91 15.27 19.71
C SER A 61 1.19 14.52 21.00
N GLU A 62 0.94 13.21 21.02
CA GLU A 62 1.33 12.33 22.10
C GLU A 62 1.96 11.09 21.48
N GLY A 63 2.81 10.41 22.24
CA GLY A 63 3.33 9.14 21.79
C GLY A 63 4.63 9.23 21.01
N LYS A 64 5.13 8.05 20.63
CA LYS A 64 6.41 7.89 19.97
C LYS A 64 6.26 7.07 18.69
N ILE A 65 7.09 7.36 17.70
CA ILE A 65 7.09 6.65 16.43
C ILE A 65 8.52 6.27 16.07
N LYS A 66 8.69 5.04 15.61
CA LYS A 66 9.97 4.60 15.07
C LYS A 66 9.77 4.08 13.66
N HIS A 67 10.63 4.54 12.74
CA HIS A 67 10.76 3.95 11.42
C HIS A 67 12.01 4.53 10.78
N SER A 68 12.70 3.72 10.01
CA SER A 68 13.94 4.17 9.39
C SER A 68 13.98 3.70 7.94
N GLY A 69 14.64 4.49 7.10
CA GLY A 69 14.93 4.06 5.74
C GLY A 69 13.95 4.61 4.73
N ARG A 70 14.19 4.22 3.50
CA ARG A 70 13.44 4.74 2.37
C ARG A 70 12.03 4.15 2.38
N ILE A 71 11.07 4.96 1.99
CA ILE A 71 9.67 4.57 1.91
C ILE A 71 9.27 4.55 0.45
N SER A 72 8.46 3.57 0.06
CA SER A 72 7.74 3.62 -1.20
C SER A 72 6.25 3.63 -0.88
N PHE A 73 5.55 4.64 -1.40
CA PHE A 73 4.14 4.88 -1.06
C PHE A 73 3.29 4.70 -2.31
N CYS A 74 2.22 3.91 -2.19
CA CYS A 74 1.22 3.75 -3.24
C CYS A 74 -0.06 4.42 -2.77
N SER A 75 -0.41 5.55 -3.40
CA SER A 75 -1.62 6.28 -3.01
C SER A 75 -2.88 5.48 -3.33
N GLN A 76 -3.93 5.70 -2.54
CA GLN A 76 -5.23 5.11 -2.89
C GLN A 76 -5.83 5.75 -4.14
N PHE A 77 -5.29 6.86 -4.59
CA PHE A 77 -5.71 7.52 -5.81
C PHE A 77 -4.66 7.23 -6.88
N SER A 78 -5.00 6.35 -7.81
CA SER A 78 -4.05 5.97 -8.84
C SER A 78 -3.78 7.16 -9.76
N TRP A 79 -2.58 7.18 -10.33
CA TRP A 79 -2.21 8.32 -11.15
C TRP A 79 -1.21 7.86 -12.20
N ILE A 80 -1.19 8.59 -13.31
CA ILE A 80 -0.32 8.36 -14.45
C ILE A 80 0.34 9.69 -14.81
N MET A 81 1.60 9.65 -15.20
CA MET A 81 2.21 10.81 -15.82
C MET A 81 2.45 10.53 -17.30
N PRO A 82 2.52 11.59 -18.13
CA PRO A 82 2.80 11.38 -19.57
C PRO A 82 4.11 10.62 -19.75
N GLY A 83 4.03 9.53 -20.49
CA GLY A 83 5.19 8.70 -20.75
C GLY A 83 4.73 7.30 -21.06
N THR A 84 5.69 6.44 -21.38
CA THR A 84 5.33 5.06 -21.68
C THR A 84 4.90 4.35 -20.40
N ILE A 85 4.32 3.16 -20.56
CA ILE A 85 3.96 2.40 -19.37
C ILE A 85 5.22 1.97 -18.63
N LYS A 86 6.30 1.67 -19.36
CA LYS A 86 7.56 1.32 -18.69
C LYS A 86 8.10 2.52 -17.92
N GLU A 87 8.06 3.71 -18.51
CA GLU A 87 8.52 4.91 -17.81
C GLU A 87 7.67 5.19 -16.57
N ASN A 88 6.37 4.95 -16.67
CA ASN A 88 5.50 5.18 -15.52
C ASN A 88 5.80 4.24 -14.38
N ILE A 89 6.23 3.03 -14.69
CA ILE A 89 6.48 2.04 -13.65
C ILE A 89 7.86 2.23 -13.04
N ILE A 90 8.89 2.42 -13.87
CA ILE A 90 10.21 2.61 -13.25
C ILE A 90 10.32 4.01 -12.65
N PHE A 91 9.64 4.99 -13.24
CA PHE A 91 9.48 6.35 -12.70
C PHE A 91 10.78 6.90 -12.11
N GLY A 92 11.79 7.03 -12.97
CA GLY A 92 13.05 7.64 -12.58
C GLY A 92 14.02 6.74 -11.86
N VAL A 93 13.60 5.55 -11.45
CA VAL A 93 14.50 4.57 -10.83
C VAL A 93 15.28 3.87 -11.93
N SER A 94 16.51 3.45 -11.63
CA SER A 94 17.31 2.76 -12.63
C SER A 94 16.59 1.50 -13.10
N TYR A 95 16.82 1.15 -14.37
CA TYR A 95 16.08 0.08 -15.02
C TYR A 95 16.80 -1.26 -14.88
N ASP A 96 16.04 -2.30 -14.57
CA ASP A 96 16.54 -3.67 -14.67
C ASP A 96 15.46 -4.53 -15.29
N GLU A 97 15.81 -5.23 -16.38
CA GLU A 97 14.82 -6.02 -17.11
C GLU A 97 14.17 -7.07 -16.22
N TYR A 98 14.97 -7.86 -15.50
CA TYR A 98 14.40 -8.92 -14.68
C TYR A 98 13.47 -8.36 -13.62
N ARG A 99 13.91 -7.32 -12.92
CA ARG A 99 13.08 -6.73 -11.86
C ARG A 99 11.79 -6.17 -12.43
N TYR A 100 11.89 -5.44 -13.55
CA TYR A 100 10.71 -4.85 -14.19
C TYR A 100 9.71 -5.93 -14.61
N ARG A 101 10.21 -6.96 -15.30
CA ARG A 101 9.33 -8.04 -15.73
C ARG A 101 8.70 -8.76 -14.54
N SER A 102 9.44 -8.91 -13.45
CA SER A 102 8.87 -9.59 -12.28
C SER A 102 7.69 -8.81 -11.71
N VAL A 103 7.82 -7.48 -11.69
CA VAL A 103 6.77 -6.63 -11.15
C VAL A 103 5.54 -6.66 -12.06
N ILE A 104 5.73 -6.48 -13.38
CA ILE A 104 4.53 -6.42 -14.22
C ILE A 104 3.83 -7.77 -14.23
N LYS A 105 4.59 -8.86 -14.16
CA LYS A 105 3.96 -10.18 -14.05
C LYS A 105 3.15 -10.28 -12.77
N ALA A 106 3.74 -9.83 -11.65
CA ALA A 106 3.06 -9.94 -10.36
C ALA A 106 1.82 -9.07 -10.32
N CYS A 107 1.77 -8.03 -11.15
CA CYS A 107 0.64 -7.12 -11.20
C CYS A 107 -0.29 -7.40 -12.39
N GLN A 108 -0.11 -8.54 -13.07
CA GLN A 108 -0.94 -8.98 -14.19
C GLN A 108 -0.94 -7.98 -15.35
N LEU A 109 0.09 -7.13 -15.45
CA LEU A 109 0.18 -6.15 -16.53
C LEU A 109 0.80 -6.73 -17.80
N GLU A 110 1.45 -7.88 -17.73
CA GLU A 110 1.98 -8.52 -18.93
C GLU A 110 0.87 -8.76 -19.95
N GLU A 111 -0.28 -9.25 -19.49
CA GLU A 111 -1.43 -9.48 -20.37
C GLU A 111 -1.86 -8.20 -21.07
N ASP A 112 -2.04 -7.11 -20.31
CA ASP A 112 -2.41 -5.83 -20.92
C ASP A 112 -1.36 -5.39 -21.94
N ILE A 113 -0.10 -5.41 -21.54
CA ILE A 113 0.97 -4.86 -22.40
C ILE A 113 1.12 -5.68 -23.66
N SER A 114 1.00 -7.02 -23.55
CA SER A 114 1.16 -7.87 -24.72
C SER A 114 0.20 -7.54 -25.84
N LYS A 115 -0.92 -6.87 -25.54
CA LYS A 115 -1.94 -6.63 -26.55
C LYS A 115 -1.67 -5.41 -27.43
N PHE A 116 -0.69 -4.58 -27.09
CA PHE A 116 -0.36 -3.39 -27.88
C PHE A 116 0.84 -3.65 -28.79
N ALA A 117 0.76 -3.15 -30.03
CA ALA A 117 1.88 -3.28 -30.95
C ALA A 117 3.14 -2.64 -30.41
N GLU A 118 2.99 -1.59 -29.61
CA GLU A 118 4.12 -0.90 -29.02
C GLU A 118 4.61 -1.53 -27.73
N LYS A 119 3.87 -2.50 -27.18
CA LYS A 119 4.28 -3.27 -25.99
C LYS A 119 4.57 -2.27 -24.87
N ASP A 120 5.69 -2.39 -24.17
CA ASP A 120 5.98 -1.53 -23.03
C ASP A 120 6.21 -0.07 -23.40
N ASN A 121 6.32 0.25 -24.70
CA ASN A 121 6.47 1.62 -25.14
C ASN A 121 5.15 2.29 -25.47
N ILE A 122 4.01 1.65 -25.16
CA ILE A 122 2.73 2.32 -25.32
C ILE A 122 2.73 3.60 -24.47
N VAL A 123 2.21 4.69 -25.04
CA VAL A 123 2.29 5.99 -24.41
C VAL A 123 1.00 6.25 -23.63
N LEU A 124 1.14 6.61 -22.35
CA LEU A 124 0.02 6.91 -21.47
C LEU A 124 -0.02 8.40 -21.18
N GLY A 125 -1.18 8.88 -20.72
CA GLY A 125 -1.25 10.21 -20.15
C GLY A 125 -1.04 11.33 -21.13
N GLU A 126 -1.14 11.06 -22.44
CA GLU A 126 -0.95 12.07 -23.48
C GLU A 126 -2.11 12.10 -24.48
N GLY A 127 -3.28 11.61 -24.07
CA GLY A 127 -4.47 11.67 -24.90
C GLY A 127 -4.70 10.48 -25.82
N GLY A 128 -3.70 9.61 -25.99
CA GLY A 128 -3.83 8.49 -26.89
C GLY A 128 -4.63 7.35 -26.29
N ILE A 129 -4.05 6.66 -25.32
CA ILE A 129 -4.71 5.56 -24.61
C ILE A 129 -5.45 6.11 -23.41
N THR A 130 -6.68 5.63 -23.19
CA THR A 130 -7.43 5.89 -21.96
C THR A 130 -7.47 4.59 -21.17
N LEU A 131 -6.82 4.56 -20.02
CA LEU A 131 -6.76 3.35 -19.24
C LEU A 131 -8.00 3.19 -18.36
N SER A 132 -8.34 1.93 -18.08
CA SER A 132 -9.40 1.67 -17.11
C SER A 132 -8.94 2.05 -15.71
N GLY A 133 -9.88 2.10 -14.77
CA GLY A 133 -9.49 2.32 -13.39
C GLY A 133 -8.62 1.20 -12.87
N GLY A 134 -8.93 -0.04 -13.26
CA GLY A 134 -8.15 -1.18 -12.79
C GLY A 134 -6.75 -1.18 -13.36
N GLN A 135 -6.62 -0.79 -14.64
CA GLN A 135 -5.29 -0.66 -15.22
C GLN A 135 -4.48 0.42 -14.50
N ARG A 136 -5.09 1.57 -14.24
CA ARG A 136 -4.36 2.65 -13.57
C ARG A 136 -3.93 2.24 -12.17
N ALA A 137 -4.78 1.48 -11.47
CA ALA A 137 -4.42 1.00 -10.14
C ALA A 137 -3.25 0.01 -10.22
N ARG A 138 -3.27 -0.91 -11.17
CA ARG A 138 -2.19 -1.90 -11.23
C ARG A 138 -0.88 -1.23 -11.65
N ILE A 139 -0.95 -0.23 -12.54
CA ILE A 139 0.25 0.53 -12.88
C ILE A 139 0.79 1.28 -11.67
N SER A 140 -0.12 1.90 -10.89
CA SER A 140 0.34 2.64 -9.72
C SER A 140 0.95 1.71 -8.68
N LEU A 141 0.36 0.51 -8.50
CA LEU A 141 0.94 -0.46 -7.58
C LEU A 141 2.31 -0.91 -8.08
N ALA A 142 2.40 -1.23 -9.37
CA ALA A 142 3.67 -1.67 -9.93
C ALA A 142 4.76 -0.62 -9.73
N ARG A 143 4.42 0.65 -9.94
CA ARG A 143 5.38 1.73 -9.72
C ARG A 143 5.92 1.70 -8.30
N ALA A 144 5.03 1.54 -7.30
CA ALA A 144 5.44 1.57 -5.91
C ALA A 144 6.28 0.36 -5.54
N VAL A 145 5.97 -0.80 -6.13
CA VAL A 145 6.66 -2.04 -5.82
C VAL A 145 8.01 -2.11 -6.54
N TYR A 146 8.13 -1.45 -7.69
CA TYR A 146 9.39 -1.47 -8.42
C TYR A 146 10.47 -0.71 -7.66
N LYS A 147 10.09 0.39 -7.01
CA LYS A 147 11.04 1.17 -6.24
C LYS A 147 11.66 0.33 -5.12
N ASP A 148 12.98 0.40 -4.98
CA ASP A 148 13.63 -0.25 -3.87
C ASP A 148 13.44 0.60 -2.62
N ALA A 149 12.95 -0.01 -1.55
CA ALA A 149 12.72 0.73 -0.31
C ALA A 149 12.78 -0.23 0.87
N ASP A 150 12.91 0.35 2.07
CA ASP A 150 12.85 -0.45 3.29
C ASP A 150 11.43 -0.66 3.78
N LEU A 151 10.51 0.23 3.43
CA LEU A 151 9.14 0.15 3.91
C LEU A 151 8.18 0.48 2.78
N TYR A 152 7.20 -0.40 2.55
CA TYR A 152 6.19 -0.21 1.50
C TYR A 152 4.86 0.13 2.14
N LEU A 153 4.32 1.28 1.78
CA LEU A 153 3.04 1.76 2.30
C LEU A 153 2.05 1.70 1.15
N LEU A 154 1.19 0.69 1.17
CA LEU A 154 0.26 0.40 0.08
C LEU A 154 -1.15 0.75 0.54
N ASP A 155 -1.65 1.91 0.11
CA ASP A 155 -2.91 2.46 0.61
C ASP A 155 -4.03 2.06 -0.34
N SER A 156 -4.75 1.00 0.03
CA SER A 156 -5.90 0.52 -0.75
CA SER A 156 -5.90 0.53 -0.75
C SER A 156 -5.57 0.44 -2.24
N PRO A 157 -4.55 -0.32 -2.62
CA PRO A 157 -4.03 -0.27 -3.99
C PRO A 157 -4.85 -1.06 -5.01
N PHE A 158 -5.90 -1.74 -4.59
CA PHE A 158 -6.63 -2.65 -5.46
C PHE A 158 -7.91 -2.04 -5.99
N GLY A 159 -7.90 -0.73 -6.23
CA GLY A 159 -9.10 -0.05 -6.69
C GLY A 159 -9.51 -0.54 -8.06
N TYR A 160 -10.82 -0.71 -8.23
CA TYR A 160 -11.46 -1.07 -9.50
C TYR A 160 -11.22 -2.51 -9.92
N LEU A 161 -10.56 -3.32 -9.09
CA LEU A 161 -10.33 -4.73 -9.42
C LEU A 161 -11.46 -5.59 -8.87
N ASP A 162 -11.85 -6.60 -9.65
CA ASP A 162 -12.79 -7.60 -9.15
C ASP A 162 -12.13 -8.42 -8.04
N VAL A 163 -12.96 -9.10 -7.24
CA VAL A 163 -12.45 -9.72 -6.02
C VAL A 163 -11.44 -10.81 -6.31
N LEU A 164 -11.60 -11.54 -7.42
CA LEU A 164 -10.63 -12.59 -7.73
C LEU A 164 -9.29 -12.01 -8.20
N THR A 165 -9.34 -10.99 -9.07
CA THR A 165 -8.09 -10.36 -9.50
C THR A 165 -7.35 -9.75 -8.31
N GLU A 166 -8.11 -9.11 -7.40
CA GLU A 166 -7.51 -8.58 -6.18
C GLU A 166 -6.84 -9.68 -5.38
N LYS A 167 -7.54 -10.80 -5.19
CA LYS A 167 -6.97 -11.93 -4.47
C LYS A 167 -5.69 -12.42 -5.13
N GLU A 168 -5.71 -12.52 -6.46
CA GLU A 168 -4.54 -13.07 -7.15
C GLU A 168 -3.33 -12.14 -7.01
N ILE A 169 -3.55 -10.82 -7.14
CA ILE A 169 -2.44 -9.87 -7.09
C ILE A 169 -1.95 -9.68 -5.66
N PHE A 170 -2.87 -9.70 -4.68
CA PHE A 170 -2.44 -9.74 -3.29
C PHE A 170 -1.48 -10.89 -3.04
N GLU A 171 -1.80 -12.07 -3.57
CA GLU A 171 -0.94 -13.24 -3.36
C GLU A 171 0.35 -13.14 -4.16
N SER A 172 0.26 -12.80 -5.45
CA SER A 172 1.47 -12.84 -6.28
C SER A 172 2.38 -11.65 -6.00
N CYS A 173 1.82 -10.46 -5.75
CA CYS A 173 2.63 -9.27 -5.54
C CYS A 173 2.94 -9.05 -4.05
N VAL A 174 1.91 -8.91 -3.23
CA VAL A 174 2.14 -8.52 -1.85
C VAL A 174 2.72 -9.69 -1.03
N CYS A 175 2.26 -10.92 -1.26
CA CYS A 175 2.73 -12.05 -0.46
C CYS A 175 3.96 -12.73 -1.05
N LYS A 176 4.02 -12.94 -2.37
CA LYS A 176 5.14 -13.69 -2.93
C LYS A 176 6.29 -12.78 -3.34
N LEU A 177 6.05 -11.89 -4.30
CA LEU A 177 7.11 -11.02 -4.80
C LEU A 177 7.72 -10.19 -3.67
N MET A 178 6.89 -9.68 -2.76
CA MET A 178 7.38 -8.83 -1.68
C MET A 178 7.55 -9.58 -0.35
N ALA A 179 7.74 -10.90 -0.39
CA ALA A 179 7.78 -11.69 0.84
C ALA A 179 8.84 -11.22 1.82
N ASN A 180 9.95 -10.66 1.34
CA ASN A 180 11.02 -10.31 2.26
C ASN A 180 10.91 -8.90 2.82
N LYS A 181 9.87 -8.15 2.45
CA LYS A 181 9.84 -6.71 2.59
C LYS A 181 8.87 -6.31 3.70
N THR A 182 9.19 -5.24 4.41
CA THR A 182 8.29 -4.70 5.41
C THR A 182 7.16 -3.95 4.71
N ARG A 183 5.93 -4.33 4.99
CA ARG A 183 4.75 -3.87 4.26
C ARG A 183 3.65 -3.44 5.21
N ILE A 184 3.05 -2.29 4.92
CA ILE A 184 1.80 -1.87 5.55
C ILE A 184 0.79 -1.74 4.42
N LEU A 185 -0.26 -2.53 4.48
CA LEU A 185 -1.28 -2.57 3.45
C LEU A 185 -2.59 -2.08 4.05
N VAL A 186 -3.12 -0.97 3.53
CA VAL A 186 -4.45 -0.54 3.95
C VAL A 186 -5.46 -1.33 3.14
N THR A 187 -6.28 -2.14 3.83
CA THR A 187 -7.17 -3.08 3.19
C THR A 187 -8.18 -3.56 4.22
N SER A 188 -9.35 -3.96 3.74
CA SER A 188 -10.39 -4.48 4.61
C SER A 188 -10.71 -5.95 4.34
N LYS A 189 -10.06 -6.58 3.37
CA LYS A 189 -10.48 -7.89 2.89
C LYS A 189 -10.00 -9.00 3.82
N MET A 190 -10.88 -9.99 4.05
CA MET A 190 -10.64 -10.98 5.09
C MET A 190 -9.37 -11.78 4.84
N GLU A 191 -9.11 -12.21 3.60
CA GLU A 191 -7.91 -12.99 3.37
C GLU A 191 -6.64 -12.17 3.63
N HIS A 192 -6.68 -10.87 3.33
CA HIS A 192 -5.51 -10.03 3.59
C HIS A 192 -5.24 -9.89 5.08
N LEU A 193 -6.30 -9.72 5.87
CA LEU A 193 -6.14 -9.68 7.31
C LEU A 193 -5.66 -11.03 7.84
N LYS A 194 -6.13 -12.12 7.23
CA LYS A 194 -5.78 -13.45 7.70
C LYS A 194 -4.31 -13.76 7.47
N LYS A 195 -3.76 -13.28 6.34
CA LYS A 195 -2.35 -13.55 6.01
C LYS A 195 -1.40 -12.53 6.58
N ALA A 196 -1.90 -11.42 7.08
CA ALA A 196 -1.05 -10.42 7.70
C ALA A 196 -0.45 -10.97 9.00
N ASP A 197 0.75 -10.50 9.32
CA ASP A 197 1.35 -10.82 10.60
C ASP A 197 0.61 -10.13 11.75
N LYS A 198 0.14 -8.90 11.51
CA LYS A 198 -0.64 -8.16 12.49
C LYS A 198 -1.75 -7.42 11.77
N ILE A 199 -2.82 -7.15 12.50
CA ILE A 199 -3.97 -6.40 12.00
C ILE A 199 -4.21 -5.21 12.92
N LEU A 200 -4.45 -4.05 12.33
CA LEU A 200 -4.87 -2.86 13.06
C LEU A 200 -6.17 -2.38 12.44
N ILE A 201 -7.26 -2.45 13.19
CA ILE A 201 -8.55 -1.94 12.73
C ILE A 201 -8.79 -0.61 13.44
N LEU A 202 -8.95 0.44 12.64
CA LEU A 202 -9.20 1.78 13.15
C LEU A 202 -10.69 2.11 13.04
N HIS A 203 -11.19 2.88 14.01
CA HIS A 203 -12.55 3.41 13.94
C HIS A 203 -12.55 4.80 14.55
N GLU A 204 -12.86 5.79 13.73
CA GLU A 204 -12.91 7.18 14.16
C GLU A 204 -11.66 7.57 14.94
N GLY A 205 -10.49 7.18 14.39
CA GLY A 205 -9.22 7.52 15.00
C GLY A 205 -8.69 6.55 16.04
N SER A 206 -9.55 5.75 16.65
CA SER A 206 -9.16 4.86 17.74
C SER A 206 -8.84 3.46 17.23
N SER A 207 -8.08 2.71 18.05
CA SER A 207 -7.79 1.31 17.78
C SER A 207 -8.98 0.45 18.16
N TYR A 208 -9.73 0.04 17.15
CA TYR A 208 -10.86 -0.87 17.32
C TYR A 208 -10.39 -2.28 17.67
N PHE A 209 -9.29 -2.72 17.06
CA PHE A 209 -8.71 -4.03 17.34
C PHE A 209 -7.26 -4.00 16.90
N TYR A 210 -6.39 -4.60 17.70
CA TYR A 210 -5.01 -4.81 17.27
C TYR A 210 -4.53 -6.17 17.78
N GLY A 211 -3.99 -6.97 16.88
CA GLY A 211 -3.60 -8.35 17.16
C GLY A 211 -3.53 -9.15 15.86
N THR A 212 -3.76 -10.46 15.98
CA THR A 212 -3.75 -11.34 14.82
C THR A 212 -5.17 -11.78 14.47
N PHE A 213 -5.31 -12.27 13.24
CA PHE A 213 -6.60 -12.84 12.81
C PHE A 213 -6.99 -14.01 13.71
N SER A 214 -6.03 -14.86 14.08
CA SER A 214 -6.33 -16.00 14.95
C SER A 214 -6.82 -15.53 16.32
N GLU A 215 -6.24 -14.44 16.85
CA GLU A 215 -6.71 -13.91 18.13
C GLU A 215 -8.15 -13.42 18.02
N LEU A 216 -8.46 -12.72 16.93
CA LEU A 216 -9.83 -12.29 16.69
C LEU A 216 -10.78 -13.47 16.54
N GLN A 217 -10.31 -14.54 15.88
CA GLN A 217 -11.08 -15.78 15.83
C GLN A 217 -11.48 -16.24 17.22
N ASN A 218 -10.51 -16.26 18.15
CA ASN A 218 -10.73 -16.80 19.49
C ASN A 218 -11.64 -15.95 20.37
N LEU A 219 -12.03 -14.75 19.93
CA LEU A 219 -13.00 -13.94 20.65
C LEU A 219 -14.44 -14.26 20.25
N GLN A 220 -14.64 -15.03 19.19
CA GLN A 220 -16.00 -15.30 18.68
C GLN A 220 -16.70 -16.35 19.53
MG MG B . -7.53 6.84 2.81
PG DTP C . -10.72 6.39 3.37
O1G DTP C . -9.48 6.60 2.53
O2G DTP C . -10.98 4.92 3.58
O3G DTP C . -11.97 7.04 2.82
PB DTP C . -9.16 7.07 5.73
O1B DTP C . -7.92 7.00 4.91
O2B DTP C . -9.26 6.00 6.79
O3B DTP C . -10.52 7.11 4.82
PA DTP C . -8.18 9.75 6.42
O1A DTP C . -7.86 10.20 5.02
O2A DTP C . -6.98 9.36 7.24
O3A DTP C . -9.28 8.53 6.47
O5' DTP C . -9.00 10.99 7.16
C5' DTP C . -9.27 10.96 8.55
C4' DTP C . -9.62 12.40 8.92
O4' DTP C . -8.62 13.16 8.72
C3' DTP C . -10.83 12.95 7.93
O3' DTP C . -11.78 13.69 8.80
C2' DTP C . -10.33 13.70 7.07
C1' DTP C . -9.02 14.25 7.75
N9 DTP C . -7.97 14.40 6.93
C8 DTP C . -7.33 13.52 6.14
N7 DTP C . -6.30 14.14 5.56
C5 DTP C . -6.26 15.41 6.01
C6 DTP C . -5.42 16.46 5.74
N6 DTP C . -4.26 16.51 4.85
N1 DTP C . -5.63 17.64 6.33
C2 DTP C . -6.67 17.80 7.18
N3 DTP C . -7.49 16.77 7.45
C4 DTP C . -7.29 15.57 6.85
#